data_4MUL
#
_entry.id   4MUL
#
_cell.length_a   48.720
_cell.length_b   70.860
_cell.length_c   81.830
_cell.angle_alpha   90.00
_cell.angle_beta   99.42
_cell.angle_gamma   90.00
#
_symmetry.space_group_name_H-M   'P 1 21 1'
#
loop_
_entity.id
_entity.type
_entity.pdbx_description
1 polymer 'Pantothenate synthetase'
2 non-polymer ETHANOL
3 non-polymer '{5-methoxy-2-[(naphthalen-2-ylsulfonyl)carbamoyl]-1H-indol-1-yl}acetic acid'
4 non-polymer 1,2-ETHANEDIOL
5 water water
#
_entity_poly.entity_id   1
_entity_poly.type   'polypeptide(L)'
_entity_poly.pdbx_seq_one_letter_code
;MAIPAFHPGELNVYSAPGDVADVSRALRLTGRRVMLVPTMGALHEGHLALVRAAKRVPGSVVVVSIFVNPMQFGAGGDLD
AYPRTPDDDLAQLRAEGVEIAFTPTTAAMYPDGLRTTVQPGPLAAELEGGPRPTHFAGVLTVVLKLLQIVRPDRVFFGEK
DYQQLVLIRQLVADFNLDVAVVGVPTVREADGLAMSSRNRYLDPAQRAAAVALSAALTAAAHAATAGAQAALDAARAVLD
AAPGVAVDYLELRDIGLGPMPLNGSGRLLVAARLGTTRLLDNIAIEIGTFAGTDRPDGYR
;
_entity_poly.pdbx_strand_id   A,B
#
# COMPACT_ATOMS: atom_id res chain seq x y z
N ILE A 3 22.61 6.60 12.42
CA ILE A 3 21.29 7.28 12.56
C ILE A 3 21.47 8.75 13.00
N PRO A 4 20.47 9.63 12.70
CA PRO A 4 20.59 11.02 13.09
C PRO A 4 20.54 11.20 14.60
N ALA A 5 20.93 12.37 15.08
CA ALA A 5 20.75 12.73 16.49
C ALA A 5 19.27 12.70 16.91
N PHE A 6 19.00 12.19 18.11
CA PHE A 6 17.71 12.37 18.75
C PHE A 6 17.85 12.83 20.17
N HIS A 7 17.38 14.04 20.44
CA HIS A 7 17.44 14.58 21.79
C HIS A 7 16.12 14.38 22.50
N PRO A 8 16.08 13.50 23.54
CA PRO A 8 14.82 13.34 24.27
C PRO A 8 14.36 14.63 24.96
N GLY A 9 13.05 14.73 25.11
CA GLY A 9 12.45 15.88 25.78
C GLY A 9 12.44 17.13 24.96
N GLU A 10 13.07 17.08 23.77
CA GLU A 10 13.07 18.21 22.84
C GLU A 10 12.34 17.88 21.50
N LEU A 11 12.02 18.93 20.74
CA LEU A 11 11.41 18.79 19.40
C LEU A 11 12.54 18.61 18.40
N ASN A 12 12.60 17.40 17.85
CA ASN A 12 13.57 17.06 16.82
C ASN A 12 12.88 17.07 15.45
N VAL A 13 13.40 17.86 14.50
CA VAL A 13 12.75 17.98 13.17
C VAL A 13 13.58 17.23 12.14
N TYR A 14 12.95 16.24 11.50
CA TYR A 14 13.59 15.52 10.39
C TYR A 14 12.86 15.75 9.06
N SER A 15 13.61 15.98 8.00
N SER A 15 13.60 15.97 7.99
CA SER A 15 13.05 16.02 6.64
CA SER A 15 13.01 16.06 6.63
C SER A 15 13.21 14.73 5.89
C SER A 15 13.32 14.87 5.71
N ALA A 16 14.38 14.12 5.98
CA ALA A 16 14.67 12.91 5.18
C ALA A 16 13.83 11.76 5.73
N PRO A 17 13.06 11.05 4.85
CA PRO A 17 12.37 9.87 5.34
C PRO A 17 13.31 8.89 6.03
N GLY A 18 14.51 8.70 5.46
CA GLY A 18 15.42 7.75 6.09
C GLY A 18 15.83 8.17 7.50
N ASP A 19 15.97 9.47 7.76
CA ASP A 19 16.29 9.92 9.13
C ASP A 19 15.18 9.53 10.12
N VAL A 20 13.92 9.87 9.82
CA VAL A 20 12.82 9.50 10.76
C VAL A 20 12.64 7.99 10.91
N ALA A 21 12.88 7.26 9.83
CA ALA A 21 12.68 5.82 9.87
C ALA A 21 13.71 5.19 10.87
N ASP A 22 14.96 5.68 10.81
CA ASP A 22 16.05 5.12 11.61
C ASP A 22 15.84 5.48 13.07
N VAL A 23 15.49 6.75 13.34
CA VAL A 23 15.17 7.19 14.69
C VAL A 23 13.98 6.40 15.21
N SER A 24 12.94 6.26 14.38
CA SER A 24 11.76 5.54 14.84
C SER A 24 12.14 4.11 15.27
N ARG A 25 12.84 3.39 14.41
CA ARG A 25 13.17 1.98 14.63
C ARG A 25 14.04 1.88 15.89
N ALA A 26 15.02 2.76 16.00
CA ALA A 26 15.90 2.75 17.18
C ALA A 26 15.08 2.89 18.46
N LEU A 27 14.11 3.83 18.47
CA LEU A 27 13.29 4.07 19.65
C LEU A 27 12.39 2.87 19.97
N ARG A 28 11.84 2.24 18.94
CA ARG A 28 10.92 1.10 19.16
C ARG A 28 11.72 -0.07 19.82
N LEU A 29 12.96 -0.20 19.39
CA LEU A 29 13.84 -1.23 19.96
C LEU A 29 14.26 -0.87 21.37
N THR A 30 14.32 0.41 21.71
CA THR A 30 14.59 0.70 23.10
C THR A 30 13.35 0.66 23.98
N GLY A 31 12.23 0.08 23.50
CA GLY A 31 10.95 0.07 24.26
C GLY A 31 9.89 1.16 24.09
N ARG A 32 10.19 2.27 23.42
CA ARG A 32 9.18 3.33 23.29
C ARG A 32 8.14 2.93 22.21
N ARG A 33 6.86 3.10 22.49
CA ARG A 33 5.88 2.89 21.43
C ARG A 33 5.78 4.19 20.56
N VAL A 34 5.77 4.02 19.25
CA VAL A 34 5.82 5.19 18.37
C VAL A 34 4.37 5.54 17.96
N MET A 35 4.00 6.80 18.18
CA MET A 35 2.64 7.21 17.82
C MET A 35 2.79 8.19 16.66
N LEU A 36 1.97 8.01 15.66
CA LEU A 36 1.98 8.91 14.48
C LEU A 36 0.69 9.74 14.39
N VAL A 37 0.88 11.08 14.25
CA VAL A 37 -0.20 11.98 14.00
C VAL A 37 0.07 12.66 12.63
N PRO A 38 -0.54 12.18 11.58
CA PRO A 38 -0.24 12.76 10.24
C PRO A 38 -1.14 13.92 9.99
N THR A 39 -0.53 15.02 9.59
CA THR A 39 -1.29 16.27 9.34
C THR A 39 -0.84 16.89 8.01
N MET A 40 -1.67 17.82 7.51
CA MET A 40 -1.21 18.67 6.41
C MET A 40 -0.87 20.02 6.92
N GLY A 41 -0.51 20.08 8.19
CA GLY A 41 -0.07 21.37 8.77
C GLY A 41 -1.28 22.27 9.04
N ALA A 42 -1.01 23.57 9.20
CA ALA A 42 -2.04 24.53 9.62
C ALA A 42 -2.77 24.02 10.91
N LEU A 43 -2.00 23.76 11.96
CA LEU A 43 -2.51 23.02 13.12
C LEU A 43 -3.46 23.81 13.96
N HIS A 44 -4.53 23.18 14.37
CA HIS A 44 -5.45 23.84 15.30
C HIS A 44 -5.65 22.91 16.49
N GLU A 45 -6.47 23.34 17.45
CA GLU A 45 -6.82 22.59 18.62
C GLU A 45 -7.23 21.14 18.39
N GLY A 46 -7.86 20.86 17.25
CA GLY A 46 -8.22 19.47 16.93
C GLY A 46 -7.00 18.58 16.76
N HIS A 47 -5.96 19.13 16.13
CA HIS A 47 -4.70 18.43 16.01
C HIS A 47 -4.05 18.28 17.37
N LEU A 48 -4.15 19.32 18.21
CA LEU A 48 -3.52 19.21 19.54
C LEU A 48 -4.23 18.13 20.37
N ALA A 49 -5.53 17.96 20.12
CA ALA A 49 -6.29 16.82 20.71
C ALA A 49 -5.73 15.47 20.25
N LEU A 50 -5.34 15.37 18.97
CA LEU A 50 -4.73 14.15 18.44
C LEU A 50 -3.42 13.88 19.15
N VAL A 51 -2.59 14.92 19.22
CA VAL A 51 -1.30 14.87 19.92
C VAL A 51 -1.47 14.47 21.41
N ARG A 52 -2.45 15.07 22.07
CA ARG A 52 -2.71 14.74 23.49
C ARG A 52 -3.10 13.29 23.69
N ALA A 53 -3.92 12.77 22.78
CA ALA A 53 -4.32 11.39 22.81
C ALA A 53 -3.10 10.49 22.63
N ALA A 54 -2.22 10.83 21.70
CA ALA A 54 -1.00 10.07 21.48
C ALA A 54 -0.09 10.11 22.69
N LYS A 55 0.05 11.27 23.29
CA LYS A 55 0.86 11.43 24.48
C LYS A 55 0.35 10.56 25.65
N ARG A 56 -0.96 10.39 25.80
CA ARG A 56 -1.56 9.55 26.84
C ARG A 56 -1.05 8.09 26.82
N VAL A 57 -0.52 7.60 25.69
CA VAL A 57 -0.10 6.18 25.59
C VAL A 57 1.22 5.99 26.34
N PRO A 58 1.18 5.15 27.39
CA PRO A 58 2.37 5.06 28.28
C PRO A 58 3.68 4.79 27.55
N GLY A 59 4.69 5.58 27.84
CA GLY A 59 5.96 5.38 27.20
C GLY A 59 6.02 5.83 25.73
N SER A 60 4.99 6.49 25.21
CA SER A 60 5.05 6.80 23.77
C SER A 60 6.11 7.81 23.43
N VAL A 61 6.47 7.80 22.16
CA VAL A 61 7.17 8.94 21.56
C VAL A 61 6.23 9.40 20.42
N VAL A 62 6.00 10.71 20.26
CA VAL A 62 4.94 11.11 19.33
C VAL A 62 5.67 11.66 18.11
N VAL A 63 5.30 11.18 16.93
CA VAL A 63 5.81 11.74 15.69
C VAL A 63 4.64 12.50 15.04
N VAL A 64 4.81 13.77 14.71
CA VAL A 64 3.71 14.43 14.01
C VAL A 64 4.27 14.66 12.62
N SER A 65 3.58 14.18 11.58
CA SER A 65 4.04 14.54 10.22
C SER A 65 3.27 15.77 9.69
N ILE A 66 3.94 16.57 8.86
CA ILE A 66 3.38 17.79 8.24
C ILE A 66 3.80 17.68 6.76
N PHE A 67 2.85 17.49 5.90
CA PHE A 67 3.15 17.29 4.47
C PHE A 67 1.88 17.54 3.73
N VAL A 68 1.92 18.48 2.79
CA VAL A 68 0.73 18.87 2.06
C VAL A 68 0.91 18.03 0.83
N ASN A 69 0.02 17.09 0.66
CA ASN A 69 0.28 16.05 -0.29
C ASN A 69 -0.26 16.45 -1.63
N PRO A 70 0.62 16.71 -2.58
CA PRO A 70 0.05 17.20 -3.84
C PRO A 70 -0.87 16.18 -4.55
N MET A 71 -0.78 14.89 -4.18
CA MET A 71 -1.45 13.81 -4.96
C MET A 71 -2.95 13.63 -4.62
N GLN A 72 -3.42 14.25 -3.56
CA GLN A 72 -4.86 14.23 -3.24
C GLN A 72 -5.59 15.54 -3.68
N PHE A 73 -4.86 16.47 -4.31
CA PHE A 73 -5.56 17.67 -4.82
C PHE A 73 -5.79 17.50 -6.33
N GLY A 74 -6.97 17.89 -6.80
CA GLY A 74 -7.30 17.87 -8.23
C GLY A 74 -7.20 19.30 -8.69
N ALA A 75 -8.20 19.77 -9.45
CA ALA A 75 -8.26 21.19 -9.79
C ALA A 75 -6.93 21.60 -10.46
N GLY A 76 -6.60 22.90 -10.51
CA GLY A 76 -7.48 23.97 -10.09
C GLY A 76 -7.10 24.76 -8.85
N GLY A 77 -5.81 24.97 -8.60
CA GLY A 77 -5.38 25.91 -7.55
C GLY A 77 -5.74 25.58 -6.10
N ASP A 78 -6.40 24.43 -5.90
CA ASP A 78 -6.65 23.87 -4.56
C ASP A 78 -5.33 23.63 -3.79
N LEU A 79 -4.36 23.05 -4.51
CA LEU A 79 -3.01 22.82 -3.95
C LEU A 79 -2.36 24.15 -3.51
N ASP A 80 -2.21 25.07 -4.46
CA ASP A 80 -1.69 26.42 -4.13
C ASP A 80 -2.40 27.16 -2.99
N ALA A 81 -3.73 26.96 -2.90
CA ALA A 81 -4.60 27.64 -1.94
C ALA A 81 -4.49 27.11 -0.51
N TYR A 82 -4.00 25.88 -0.36
CA TYR A 82 -4.03 25.25 0.94
C TYR A 82 -3.25 26.06 2.00
N PRO A 83 -3.83 26.30 3.22
CA PRO A 83 -3.11 27.16 4.20
C PRO A 83 -1.79 26.55 4.57
N ARG A 84 -0.74 27.35 4.60
CA ARG A 84 0.53 26.88 5.09
C ARG A 84 0.95 27.90 6.15
N THR A 85 1.20 27.42 7.37
CA THR A 85 1.59 28.28 8.50
C THR A 85 2.59 27.47 9.35
N PRO A 86 3.70 27.03 8.71
CA PRO A 86 4.69 26.16 9.33
C PRO A 86 5.32 26.73 10.65
N ASP A 87 5.34 28.06 10.81
CA ASP A 87 5.93 28.64 12.02
C ASP A 87 5.01 28.43 13.23
N ASP A 88 3.75 28.77 13.06
CA ASP A 88 2.76 28.46 14.08
C ASP A 88 2.82 26.92 14.32
N ASP A 89 2.85 26.11 13.25
CA ASP A 89 2.84 24.61 13.46
C ASP A 89 3.92 24.12 14.44
N LEU A 90 5.19 24.35 14.15
CA LEU A 90 6.28 23.84 15.05
C LEU A 90 6.26 24.36 16.49
N ALA A 91 5.83 25.62 16.65
CA ALA A 91 5.66 26.24 17.98
C ALA A 91 4.63 25.53 18.83
N GLN A 92 3.45 25.29 18.28
CA GLN A 92 2.47 24.46 19.00
C GLN A 92 2.99 23.06 19.39
N LEU A 93 3.70 22.39 18.47
CA LEU A 93 4.29 21.08 18.79
C LEU A 93 5.29 21.15 19.94
N ARG A 94 6.16 22.15 19.90
CA ARG A 94 7.06 22.39 21.02
C ARG A 94 6.24 22.63 22.34
N ALA A 95 5.20 23.47 22.27
CA ALA A 95 4.33 23.73 23.46
C ALA A 95 3.70 22.43 23.99
N GLU A 96 3.46 21.44 23.12
CA GLU A 96 2.84 20.20 23.61
C GLU A 96 3.83 19.14 23.98
N GLY A 97 5.11 19.45 23.86
CA GLY A 97 6.14 18.48 24.22
C GLY A 97 6.28 17.28 23.24
N VAL A 98 5.85 17.44 21.99
CA VAL A 98 6.11 16.42 20.93
C VAL A 98 7.61 16.34 20.69
N GLU A 99 8.17 15.14 20.56
CA GLU A 99 9.60 15.01 20.36
C GLU A 99 10.04 14.86 18.91
N ILE A 100 9.14 14.47 18.02
CA ILE A 100 9.52 14.38 16.58
C ILE A 100 8.49 15.03 15.62
N ALA A 101 9.01 15.91 14.75
CA ALA A 101 8.27 16.44 13.61
C ALA A 101 8.93 15.90 12.35
N PHE A 102 8.11 15.35 11.48
CA PHE A 102 8.61 14.82 10.21
C PHE A 102 8.08 15.73 9.10
N THR A 103 8.95 16.46 8.39
CA THR A 103 8.49 17.46 7.43
C THR A 103 9.20 17.18 6.09
N PRO A 104 8.73 16.16 5.37
CA PRO A 104 9.45 15.83 4.16
C PRO A 104 9.15 16.79 2.98
N THR A 105 10.10 16.82 2.05
CA THR A 105 9.93 17.53 0.77
C THR A 105 9.06 16.70 -0.18
N THR A 106 8.45 17.37 -1.14
CA THR A 106 7.73 16.61 -2.17
C THR A 106 8.68 15.67 -2.94
N ALA A 107 9.90 16.14 -3.23
CA ALA A 107 10.89 15.34 -3.97
C ALA A 107 11.26 14.07 -3.19
N ALA A 108 11.31 14.16 -1.84
CA ALA A 108 11.69 12.99 -1.09
C ALA A 108 10.58 11.98 -1.01
N MET A 109 9.35 12.46 -1.03
CA MET A 109 8.17 11.57 -1.00
C MET A 109 7.93 10.99 -2.39
N TYR A 110 8.14 11.77 -3.45
CA TYR A 110 7.73 11.34 -4.79
C TYR A 110 8.91 11.48 -5.79
N PRO A 111 10.05 10.83 -5.49
CA PRO A 111 11.23 11.06 -6.37
C PRO A 111 10.98 10.53 -7.79
N ASP A 112 10.07 9.57 -7.92
CA ASP A 112 9.73 9.02 -9.25
C ASP A 112 8.44 9.51 -9.80
N GLY A 113 7.88 10.54 -9.15
CA GLY A 113 6.56 11.02 -9.53
C GLY A 113 5.50 10.03 -9.02
N LEU A 114 4.32 10.10 -9.58
CA LEU A 114 3.26 9.18 -9.23
C LEU A 114 3.43 7.91 -10.08
N ARG A 115 3.62 6.77 -9.41
CA ARG A 115 3.90 5.51 -10.17
C ARG A 115 3.04 4.42 -9.53
N THR A 116 3.53 3.70 -8.52
CA THR A 116 2.61 2.69 -7.91
C THR A 116 1.71 3.47 -6.95
N THR A 117 0.42 3.12 -6.91
CA THR A 117 -0.47 3.88 -6.02
C THR A 117 -1.43 2.91 -5.37
N VAL A 118 -2.14 3.41 -4.36
CA VAL A 118 -3.18 2.62 -3.73
C VAL A 118 -4.48 2.93 -4.44
N GLN A 119 -5.20 1.87 -4.82
CA GLN A 119 -6.54 1.95 -5.40
C GLN A 119 -7.57 1.61 -4.27
N PRO A 120 -8.26 2.62 -3.70
CA PRO A 120 -9.22 2.30 -2.67
C PRO A 120 -10.36 1.47 -3.20
N GLY A 121 -11.08 0.88 -2.28
CA GLY A 121 -12.35 0.20 -2.61
C GLY A 121 -13.47 1.19 -3.06
N PRO A 122 -14.67 0.65 -3.35
CA PRO A 122 -15.80 1.39 -3.93
C PRO A 122 -16.25 2.56 -3.06
N LEU A 123 -15.99 2.51 -1.76
CA LEU A 123 -16.33 3.65 -0.87
C LEU A 123 -15.73 4.95 -1.37
N ALA A 124 -14.58 4.86 -2.03
CA ALA A 124 -13.87 6.10 -2.47
C ALA A 124 -14.57 6.87 -3.61
N ALA A 125 -15.56 6.20 -4.24
CA ALA A 125 -16.33 6.81 -5.35
C ALA A 125 -17.60 7.50 -4.85
N GLU A 126 -17.83 7.50 -3.56
N GLU A 126 -17.87 7.35 -3.54
CA GLU A 126 -19.11 8.03 -3.10
CA GLU A 126 -19.11 7.83 -2.86
C GLU A 126 -18.86 9.11 -2.11
C GLU A 126 -18.84 9.16 -2.18
N LEU A 127 -19.91 9.88 -1.78
CA LEU A 127 -19.79 11.03 -0.88
C LEU A 127 -18.71 11.98 -1.42
N GLU A 128 -17.67 12.25 -0.63
CA GLU A 128 -16.62 13.20 -1.04
C GLU A 128 -15.90 12.83 -2.33
N GLY A 129 -15.91 11.54 -2.63
CA GLY A 129 -15.16 11.07 -3.79
C GLY A 129 -15.97 11.07 -5.08
N GLY A 130 -17.30 11.33 -5.00
CA GLY A 130 -18.19 11.29 -6.19
C GLY A 130 -17.66 12.25 -7.28
N PRO A 131 -17.36 13.50 -6.91
CA PRO A 131 -16.82 14.44 -7.90
C PRO A 131 -15.31 14.56 -7.91
N ARG A 132 -14.62 13.71 -7.14
CA ARG A 132 -13.16 13.82 -7.03
C ARG A 132 -12.64 12.42 -7.11
N PRO A 133 -12.59 11.86 -8.31
CA PRO A 133 -12.47 10.40 -8.35
C PRO A 133 -11.12 9.82 -7.90
N THR A 134 -10.05 10.62 -7.95
CA THR A 134 -8.72 10.16 -7.54
C THR A 134 -8.36 10.68 -6.15
N HIS A 135 -9.22 11.46 -5.52
CA HIS A 135 -8.84 12.12 -4.28
C HIS A 135 -8.42 11.12 -3.20
N PHE A 136 -9.24 10.10 -2.97
CA PHE A 136 -8.90 9.18 -1.91
C PHE A 136 -7.74 8.21 -2.25
N ALA A 137 -7.50 7.99 -3.55
CA ALA A 137 -6.28 7.23 -3.98
C ALA A 137 -5.03 8.04 -3.55
N GLY A 138 -5.11 9.35 -3.66
CA GLY A 138 -4.01 10.28 -3.25
C GLY A 138 -3.77 10.20 -1.70
N VAL A 139 -4.87 10.26 -0.97
CA VAL A 139 -4.80 10.18 0.49
C VAL A 139 -4.27 8.79 0.91
N LEU A 140 -4.86 7.69 0.41
CA LEU A 140 -4.40 6.43 0.91
C LEU A 140 -2.95 6.14 0.53
N THR A 141 -2.54 6.62 -0.64
CA THR A 141 -1.14 6.39 -1.09
C THR A 141 -0.18 7.15 -0.10
N VAL A 142 -0.49 8.40 0.17
CA VAL A 142 0.39 9.11 1.10
C VAL A 142 0.38 8.49 2.52
N VAL A 143 -0.80 8.08 3.01
CA VAL A 143 -0.90 7.59 4.36
C VAL A 143 -0.10 6.25 4.41
N LEU A 144 -0.23 5.44 3.35
CA LEU A 144 0.52 4.15 3.34
C LEU A 144 2.03 4.50 3.46
N LYS A 145 2.47 5.48 2.69
CA LYS A 145 3.90 5.83 2.66
C LYS A 145 4.35 6.25 4.05
N LEU A 146 3.56 7.11 4.67
CA LEU A 146 3.91 7.65 6.00
C LEU A 146 3.96 6.52 7.02
N LEU A 147 3.06 5.55 6.89
CA LEU A 147 3.03 4.45 7.84
C LEU A 147 4.25 3.55 7.66
N GLN A 148 4.71 3.40 6.40
CA GLN A 148 5.87 2.57 6.14
C GLN A 148 7.15 3.21 6.57
N ILE A 149 7.19 4.53 6.46
CA ILE A 149 8.39 5.32 6.81
C ILE A 149 8.55 5.37 8.32
N VAL A 150 7.46 5.68 9.00
CA VAL A 150 7.49 5.85 10.49
C VAL A 150 7.29 4.53 11.24
N ARG A 151 6.58 3.56 10.65
CA ARG A 151 6.20 2.33 11.36
C ARG A 151 5.72 2.53 12.79
N PRO A 152 4.66 3.33 12.99
CA PRO A 152 4.10 3.57 14.31
C PRO A 152 3.31 2.40 14.81
N ASP A 153 3.26 2.27 16.12
CA ASP A 153 2.29 1.33 16.77
C ASP A 153 0.81 1.72 16.60
N ARG A 154 0.54 3.02 16.65
CA ARG A 154 -0.83 3.53 16.52
C ARG A 154 -0.74 4.81 15.70
N VAL A 155 -1.82 5.07 14.97
CA VAL A 155 -1.88 6.30 14.20
C VAL A 155 -3.24 6.93 14.50
N PHE A 156 -3.26 8.26 14.56
CA PHE A 156 -4.37 9.01 15.14
C PHE A 156 -4.96 9.94 14.10
N PHE A 157 -6.30 9.93 13.98
CA PHE A 157 -7.03 10.79 13.05
C PHE A 157 -8.25 11.37 13.77
N GLY A 158 -8.63 12.59 13.34
CA GLY A 158 -9.91 13.17 13.80
C GLY A 158 -11.08 12.45 13.16
N GLU A 159 -12.24 12.42 13.80
CA GLU A 159 -13.44 11.82 13.20
C GLU A 159 -14.16 12.75 12.21
N LYS A 160 -13.75 14.01 12.13
CA LYS A 160 -14.48 14.98 11.29
C LYS A 160 -14.50 14.55 9.81
N ASP A 161 -13.36 14.11 9.32
CA ASP A 161 -13.29 13.50 7.98
C ASP A 161 -13.50 12.00 8.11
N TYR A 162 -14.77 11.66 8.35
CA TYR A 162 -15.10 10.31 8.78
C TYR A 162 -14.93 9.34 7.63
N GLN A 163 -15.35 9.72 6.42
CA GLN A 163 -15.15 8.83 5.26
C GLN A 163 -13.67 8.54 5.07
N GLN A 164 -12.81 9.55 5.17
CA GLN A 164 -11.41 9.31 5.10
C GLN A 164 -10.93 8.32 6.17
N LEU A 165 -11.41 8.50 7.43
CA LEU A 165 -11.06 7.57 8.50
C LEU A 165 -11.46 6.13 8.20
N VAL A 166 -12.66 5.96 7.66
CA VAL A 166 -13.14 4.60 7.32
C VAL A 166 -12.24 3.96 6.24
N LEU A 167 -11.86 4.76 5.26
CA LEU A 167 -11.03 4.27 4.20
C LEU A 167 -9.68 3.91 4.67
N ILE A 168 -9.13 4.73 5.59
CA ILE A 168 -7.87 4.34 6.21
C ILE A 168 -7.94 3.02 7.01
N ARG A 169 -9.03 2.80 7.74
CA ARG A 169 -9.22 1.53 8.39
C ARG A 169 -9.26 0.44 7.33
N GLN A 170 -9.87 0.71 6.18
CA GLN A 170 -9.88 -0.36 5.14
C GLN A 170 -8.48 -0.65 4.66
N LEU A 171 -7.70 0.40 4.41
CA LEU A 171 -6.33 0.23 3.94
C LEU A 171 -5.52 -0.63 4.94
N VAL A 172 -5.59 -0.30 6.21
CA VAL A 172 -4.94 -1.06 7.30
C VAL A 172 -5.35 -2.53 7.30
N ALA A 173 -6.66 -2.83 7.27
CA ALA A 173 -7.09 -4.22 7.24
C ALA A 173 -6.67 -4.94 5.96
N ASP A 174 -6.94 -4.29 4.83
CA ASP A 174 -6.79 -4.89 3.52
C ASP A 174 -5.33 -5.18 3.14
N PHE A 175 -4.39 -4.36 3.68
CA PHE A 175 -2.97 -4.59 3.40
C PHE A 175 -2.24 -5.17 4.63
N ASN A 176 -3.00 -5.68 5.63
CA ASN A 176 -2.42 -6.36 6.83
C ASN A 176 -1.40 -5.49 7.53
N LEU A 177 -1.65 -4.16 7.57
CA LEU A 177 -0.67 -3.23 8.19
C LEU A 177 -0.71 -3.48 9.70
N ASP A 178 0.45 -3.48 10.32
CA ASP A 178 0.46 -3.81 11.76
C ASP A 178 0.41 -2.51 12.57
N VAL A 179 -0.73 -1.81 12.53
CA VAL A 179 -0.85 -0.51 13.22
C VAL A 179 -2.27 -0.39 13.70
N ALA A 180 -2.46 0.17 14.87
CA ALA A 180 -3.77 0.42 15.42
C ALA A 180 -4.24 1.80 14.91
N VAL A 181 -5.42 1.86 14.32
CA VAL A 181 -5.98 3.18 13.88
C VAL A 181 -6.90 3.75 15.00
N VAL A 182 -6.57 4.93 15.51
CA VAL A 182 -7.31 5.55 16.61
C VAL A 182 -8.08 6.76 16.09
N GLY A 183 -9.41 6.69 16.15
CA GLY A 183 -10.25 7.85 15.77
C GLY A 183 -10.51 8.69 17.00
N VAL A 184 -10.28 9.98 16.88
CA VAL A 184 -10.49 10.89 18.02
C VAL A 184 -11.70 11.79 17.78
N PRO A 185 -12.60 11.92 18.79
CA PRO A 185 -13.81 12.76 18.50
C PRO A 185 -13.44 14.19 18.13
N THR A 186 -14.24 14.70 17.23
CA THR A 186 -14.04 16.01 16.65
C THR A 186 -14.08 17.11 17.75
N VAL A 187 -13.05 17.95 17.79
CA VAL A 187 -13.04 19.13 18.68
C VAL A 187 -13.83 20.22 17.99
N ARG A 188 -14.66 20.94 18.77
CA ARG A 188 -15.56 21.93 18.20
C ARG A 188 -15.32 23.28 18.86
N GLU A 189 -15.68 24.33 18.15
CA GLU A 189 -15.73 25.68 18.73
C GLU A 189 -16.93 25.69 19.73
N ALA A 190 -17.07 26.77 20.52
CA ALA A 190 -18.01 26.66 21.66
C ALA A 190 -19.50 26.59 21.23
N ASP A 191 -19.78 27.04 20.00
CA ASP A 191 -21.11 26.94 19.45
C ASP A 191 -21.41 25.62 18.74
N GLY A 192 -20.38 24.77 18.67
CA GLY A 192 -20.44 23.43 18.07
C GLY A 192 -19.83 23.28 16.67
N LEU A 193 -19.38 24.39 16.06
CA LEU A 193 -18.69 24.30 14.77
C LEU A 193 -17.45 23.39 14.82
N ALA A 194 -17.37 22.41 13.91
CA ALA A 194 -16.25 21.46 13.94
C ALA A 194 -14.97 22.23 13.63
N MET A 195 -13.89 21.97 14.34
CA MET A 195 -12.61 22.63 13.97
C MET A 195 -12.21 22.27 12.56
N SER A 196 -11.66 23.24 11.86
CA SER A 196 -11.18 22.97 10.53
C SER A 196 -10.26 24.09 10.05
N SER A 197 -9.23 23.66 9.31
N SER A 197 -9.22 23.70 9.32
CA SER A 197 -8.33 24.56 8.59
CA SER A 197 -8.31 24.67 8.67
C SER A 197 -9.11 25.58 7.81
C SER A 197 -8.98 25.43 7.54
N ARG A 198 -10.25 25.14 7.27
CA ARG A 198 -10.98 25.93 6.31
C ARG A 198 -11.98 26.91 6.94
N ASN A 199 -12.19 26.83 8.26
CA ASN A 199 -13.06 27.80 8.95
C ASN A 199 -12.57 29.26 8.78
N ARG A 200 -11.25 29.43 8.61
CA ARG A 200 -10.61 30.74 8.43
C ARG A 200 -11.14 31.44 7.15
N TYR A 201 -11.71 30.66 6.21
CA TYR A 201 -12.30 31.24 4.98
C TYR A 201 -13.75 31.72 5.08
N LEU A 202 -14.33 31.63 6.27
CA LEU A 202 -15.73 32.08 6.48
C LEU A 202 -15.69 33.54 6.91
N ASP A 203 -16.45 34.38 6.23
CA ASP A 203 -16.56 35.77 6.75
C ASP A 203 -17.50 35.76 7.95
N PRO A 204 -17.66 36.91 8.65
CA PRO A 204 -18.45 36.93 9.88
C PRO A 204 -19.87 36.33 9.75
N ALA A 205 -20.52 36.64 8.64
CA ALA A 205 -21.89 36.18 8.38
C ALA A 205 -21.87 34.69 8.09
N GLN A 206 -20.92 34.22 7.28
CA GLN A 206 -20.81 32.78 6.99
C GLN A 206 -20.45 32.03 8.29
N ARG A 207 -19.55 32.56 9.10
CA ARG A 207 -19.23 31.97 10.38
C ARG A 207 -20.48 31.80 11.26
N ALA A 208 -21.32 32.84 11.33
CA ALA A 208 -22.56 32.74 12.06
C ALA A 208 -23.46 31.66 11.49
N ALA A 209 -23.64 31.59 10.16
CA ALA A 209 -24.52 30.58 9.54
C ALA A 209 -24.01 29.15 9.68
N ALA A 210 -22.69 29.01 9.70
CA ALA A 210 -22.01 27.68 9.71
C ALA A 210 -22.39 26.80 10.94
N VAL A 211 -22.85 27.43 12.01
CA VAL A 211 -23.26 26.71 13.22
C VAL A 211 -24.43 25.74 12.78
N ALA A 212 -25.05 26.02 11.68
CA ALA A 212 -26.23 25.18 11.29
C ALA A 212 -25.81 23.73 11.07
N LEU A 213 -24.57 23.51 10.60
CA LEU A 213 -24.24 22.10 10.33
C LEU A 213 -24.31 21.27 11.62
N SER A 214 -23.58 21.69 12.64
CA SER A 214 -23.55 20.94 13.89
C SER A 214 -24.91 21.00 14.60
N ALA A 215 -25.63 22.12 14.50
CA ALA A 215 -26.97 22.26 15.10
C ALA A 215 -27.91 21.21 14.43
N ALA A 216 -27.84 21.09 13.11
CA ALA A 216 -28.69 20.09 12.34
C ALA A 216 -28.35 18.66 12.79
N LEU A 217 -27.04 18.35 12.85
CA LEU A 217 -26.62 17.02 13.27
C LEU A 217 -27.07 16.66 14.71
N THR A 218 -26.92 17.55 15.67
N THR A 218 -26.95 17.60 15.62
CA THR A 218 -27.33 17.19 17.07
CA THR A 218 -27.30 17.31 17.02
C THR A 218 -28.86 17.14 17.15
C THR A 218 -28.83 17.23 17.19
N ALA A 219 -29.54 18.05 16.41
CA ALA A 219 -31.04 18.00 16.35
C ALA A 219 -31.45 16.60 15.83
N ALA A 220 -30.80 16.16 14.76
CA ALA A 220 -31.08 14.78 14.23
C ALA A 220 -30.76 13.71 15.25
N ALA A 221 -29.65 13.81 15.97
CA ALA A 221 -29.30 12.72 16.89
C ALA A 221 -30.37 12.57 17.99
N HIS A 222 -30.97 13.71 18.39
CA HIS A 222 -32.00 13.65 19.43
C HIS A 222 -33.37 13.31 18.88
N ALA A 223 -33.67 13.74 17.64
CA ALA A 223 -34.91 13.40 16.95
C ALA A 223 -35.02 11.90 16.66
N ALA A 224 -33.87 11.21 16.70
CA ALA A 224 -33.77 9.83 16.11
C ALA A 224 -34.56 8.82 16.95
N THR A 225 -34.96 9.18 18.17
CA THR A 225 -35.92 8.28 18.91
C THR A 225 -37.20 8.09 18.10
N ALA A 226 -37.53 9.05 17.26
CA ALA A 226 -38.71 8.96 16.46
C ALA A 226 -38.43 8.29 15.10
N GLY A 227 -37.19 7.82 14.88
CA GLY A 227 -36.89 7.14 13.61
C GLY A 227 -36.00 7.93 12.66
N ALA A 228 -35.61 7.24 11.60
CA ALA A 228 -34.63 7.81 10.67
C ALA A 228 -35.20 8.96 9.89
N GLN A 229 -36.45 8.83 9.46
N GLN A 229 -36.43 8.84 9.43
CA GLN A 229 -37.11 9.89 8.71
CA GLN A 229 -36.96 9.94 8.68
C GLN A 229 -37.15 11.21 9.51
C GLN A 229 -37.11 11.24 9.52
N ALA A 230 -37.53 11.10 10.77
CA ALA A 230 -37.63 12.25 11.65
C ALA A 230 -36.22 12.83 11.85
N ALA A 231 -35.22 11.97 12.03
CA ALA A 231 -33.83 12.44 12.31
C ALA A 231 -33.40 13.25 11.05
N LEU A 232 -33.49 12.64 9.87
CA LEU A 232 -33.15 13.38 8.63
C LEU A 232 -33.94 14.66 8.35
N ASP A 233 -35.25 14.62 8.66
CA ASP A 233 -36.10 15.77 8.43
C ASP A 233 -35.78 16.91 9.38
N ALA A 234 -35.44 16.60 10.63
CA ALA A 234 -34.99 17.59 11.61
C ALA A 234 -33.70 18.28 11.11
N ALA A 235 -32.75 17.47 10.65
CA ALA A 235 -31.46 18.04 10.19
C ALA A 235 -31.76 18.90 8.95
N ARG A 236 -32.63 18.40 8.10
CA ARG A 236 -32.88 19.18 6.89
C ARG A 236 -33.53 20.53 7.20
N ALA A 237 -34.33 20.56 8.26
CA ALA A 237 -35.08 21.79 8.56
C ALA A 237 -34.12 22.85 9.05
N VAL A 238 -33.17 22.41 9.85
CA VAL A 238 -32.24 23.35 10.45
C VAL A 238 -31.37 23.88 9.30
N LEU A 239 -30.89 23.01 8.43
CA LEU A 239 -30.06 23.48 7.25
C LEU A 239 -30.84 24.45 6.36
N ASP A 240 -32.10 24.11 6.12
CA ASP A 240 -33.04 24.99 5.34
C ASP A 240 -33.30 26.36 5.94
N ALA A 241 -33.24 26.50 7.27
CA ALA A 241 -33.50 27.75 7.94
C ALA A 241 -32.26 28.64 7.89
N ALA A 242 -31.12 28.11 7.41
CA ALA A 242 -29.83 28.83 7.55
C ALA A 242 -29.51 29.62 6.30
N PRO A 243 -29.17 30.90 6.49
CA PRO A 243 -28.99 31.80 5.38
C PRO A 243 -27.72 31.46 4.63
N GLY A 244 -27.86 31.16 3.35
CA GLY A 244 -26.70 31.07 2.48
C GLY A 244 -25.91 29.79 2.69
N VAL A 245 -26.52 28.83 3.35
CA VAL A 245 -25.94 27.48 3.44
C VAL A 245 -26.46 26.66 2.28
N ALA A 246 -25.58 26.20 1.41
CA ALA A 246 -26.02 25.32 0.30
C ALA A 246 -25.63 23.85 0.53
N VAL A 247 -26.61 22.99 0.76
CA VAL A 247 -26.29 21.61 1.08
C VAL A 247 -25.83 20.84 -0.14
N ASP A 248 -24.69 20.15 -0.01
N ASP A 248 -24.75 20.06 0.00
CA ASP A 248 -24.21 19.19 -1.02
CA ASP A 248 -24.23 19.20 -1.06
C ASP A 248 -24.91 17.87 -0.82
C ASP A 248 -24.75 17.77 -0.89
N TYR A 249 -24.68 17.27 0.34
CA TYR A 249 -25.37 16.03 0.70
C TYR A 249 -25.64 15.99 2.20
N LEU A 250 -26.60 15.16 2.58
CA LEU A 250 -26.93 14.99 4.00
C LEU A 250 -27.35 13.55 3.96
N GLU A 251 -26.50 12.68 4.52
CA GLU A 251 -26.71 11.22 4.37
C GLU A 251 -26.56 10.44 5.61
N LEU A 252 -27.48 9.50 5.79
CA LEU A 252 -27.41 8.65 6.94
C LEU A 252 -27.00 7.25 6.51
N ARG A 253 -25.92 6.75 7.10
CA ARG A 253 -25.33 5.47 6.71
C ARG A 253 -25.01 4.64 7.88
N ASP A 254 -24.77 3.37 7.58
CA ASP A 254 -24.16 2.50 8.53
C ASP A 254 -22.77 3.03 8.99
N ILE A 255 -22.29 2.64 10.17
CA ILE A 255 -21.01 3.18 10.69
C ILE A 255 -19.78 2.94 9.82
N GLY A 256 -19.79 1.87 9.03
CA GLY A 256 -18.68 1.58 8.10
C GLY A 256 -18.94 2.25 6.78
N LEU A 257 -20.07 2.98 6.67
CA LEU A 257 -20.46 3.71 5.44
C LEU A 257 -20.90 2.86 4.25
N GLY A 258 -21.41 1.64 4.49
CA GLY A 258 -22.05 0.72 3.43
C GLY A 258 -21.02 -0.30 2.94
N PRO A 259 -21.42 -1.39 2.22
CA PRO A 259 -22.65 -1.91 1.55
C PRO A 259 -23.57 -2.75 2.45
N MET A 260 -24.06 -2.11 3.51
CA MET A 260 -25.06 -2.69 4.40
C MET A 260 -26.07 -1.62 4.74
N PRO A 261 -27.34 -2.04 4.90
CA PRO A 261 -28.39 -1.11 5.33
C PRO A 261 -28.08 -0.66 6.74
N LEU A 262 -28.53 0.55 7.06
CA LEU A 262 -28.44 1.01 8.43
C LEU A 262 -29.29 0.09 9.35
N ASN A 263 -28.73 -0.25 10.51
CA ASN A 263 -29.49 -0.96 11.55
C ASN A 263 -29.99 0.00 12.67
N GLY A 264 -29.52 -0.23 13.90
CA GLY A 264 -29.82 0.63 15.02
C GLY A 264 -28.83 1.77 15.18
N SER A 265 -27.60 1.60 14.68
CA SER A 265 -26.57 2.61 14.95
C SER A 265 -25.88 3.00 13.67
N GLY A 266 -25.64 4.30 13.51
CA GLY A 266 -25.27 4.82 12.20
C GLY A 266 -24.45 6.10 12.28
N ARG A 267 -24.27 6.72 11.13
N ARG A 267 -24.24 6.69 11.12
CA ARG A 267 -23.48 7.94 11.04
CA ARG A 267 -23.49 7.94 11.00
C ARG A 267 -24.12 8.89 10.05
C ARG A 267 -24.25 8.86 10.08
N LEU A 268 -24.42 10.10 10.52
CA LEU A 268 -25.09 11.04 9.71
C LEU A 268 -24.04 12.06 9.24
N LEU A 269 -23.95 12.21 7.92
CA LEU A 269 -22.87 13.02 7.32
C LEU A 269 -23.46 14.12 6.57
N VAL A 270 -22.83 15.27 6.70
CA VAL A 270 -23.28 16.43 5.98
C VAL A 270 -22.10 17.14 5.29
N ALA A 271 -22.32 17.67 4.09
CA ALA A 271 -21.38 18.49 3.38
C ALA A 271 -22.21 19.69 2.83
N ALA A 272 -21.74 20.90 3.04
CA ALA A 272 -22.45 22.10 2.61
C ALA A 272 -21.43 23.19 2.19
N ARG A 273 -21.86 24.06 1.27
CA ARG A 273 -21.01 25.19 0.81
C ARG A 273 -21.56 26.44 1.43
N LEU A 274 -20.67 27.27 2.00
CA LEU A 274 -20.98 28.63 2.39
C LEU A 274 -20.11 29.59 1.56
N GLY A 275 -20.72 30.24 0.56
CA GLY A 275 -19.88 31.01 -0.41
C GLY A 275 -19.03 30.01 -1.15
N THR A 276 -17.71 30.18 -1.12
CA THR A 276 -16.89 29.19 -1.75
C THR A 276 -16.34 28.07 -0.86
N THR A 277 -16.63 28.16 0.43
CA THR A 277 -16.02 27.29 1.42
C THR A 277 -16.89 26.06 1.64
N ARG A 278 -16.29 24.90 1.46
CA ARG A 278 -17.04 23.67 1.62
C ARG A 278 -16.78 23.17 3.05
N LEU A 279 -17.83 22.94 3.81
CA LEU A 279 -17.66 22.43 5.21
C LEU A 279 -18.20 21.04 5.34
N LEU A 280 -17.59 20.22 6.20
CA LEU A 280 -18.07 18.82 6.39
C LEU A 280 -18.36 18.60 7.87
N ASP A 281 -19.30 17.72 8.26
CA ASP A 281 -19.36 17.39 9.70
C ASP A 281 -20.11 16.05 9.73
N ASN A 282 -20.08 15.36 10.86
CA ASN A 282 -20.88 14.09 10.97
C ASN A 282 -21.10 13.76 12.44
N ILE A 283 -22.02 12.85 12.73
CA ILE A 283 -22.22 12.52 14.09
C ILE A 283 -22.71 11.11 14.12
N ALA A 284 -22.45 10.47 15.25
CA ALA A 284 -23.12 9.17 15.57
C ALA A 284 -24.60 9.39 15.77
N ILE A 285 -25.36 8.44 15.25
CA ILE A 285 -26.80 8.43 15.36
C ILE A 285 -27.25 7.04 15.88
N GLU A 286 -28.07 7.01 16.91
CA GLU A 286 -28.73 5.77 17.32
C GLU A 286 -30.19 5.90 16.97
N ILE A 287 -30.71 4.89 16.29
CA ILE A 287 -32.03 4.98 15.77
C ILE A 287 -33.04 4.28 16.70
N GLY A 288 -34.13 4.97 17.02
CA GLY A 288 -35.20 4.41 17.85
C GLY A 288 -34.81 4.06 19.27
N THR A 289 -35.19 2.84 19.66
CA THR A 289 -34.79 2.23 20.91
C THR A 289 -33.32 2.43 21.33
N PHE A 290 -32.36 2.28 20.40
CA PHE A 290 -30.93 2.53 20.75
C PHE A 290 -30.66 3.97 21.20
N ALA A 291 -31.62 4.87 20.96
CA ALA A 291 -31.51 6.29 21.33
C ALA A 291 -32.27 6.63 22.63
N MET B 1 -2.20 -13.58 24.94
CA MET B 1 -1.34 -13.26 23.76
C MET B 1 -0.08 -14.12 23.70
N ALA B 2 -0.21 -15.41 24.01
CA ALA B 2 0.86 -16.39 23.81
C ALA B 2 1.25 -16.53 22.31
N ILE B 3 2.56 -16.51 22.02
CA ILE B 3 3.12 -16.76 20.68
C ILE B 3 2.73 -18.17 20.26
N PRO B 4 2.35 -18.34 18.99
CA PRO B 4 2.07 -19.70 18.54
C PRO B 4 3.32 -20.53 18.71
N ALA B 5 3.13 -21.83 18.92
CA ALA B 5 4.25 -22.77 18.99
C ALA B 5 5.16 -22.71 17.73
N PHE B 6 6.48 -22.72 17.95
CA PHE B 6 7.49 -22.81 16.92
C PHE B 6 8.52 -23.79 17.43
N HIS B 7 8.83 -24.79 16.62
CA HIS B 7 9.91 -25.73 16.94
C HIS B 7 11.06 -25.54 15.97
N PRO B 8 12.13 -24.93 16.46
CA PRO B 8 13.36 -24.64 15.72
C PRO B 8 13.90 -25.87 15.03
N GLY B 9 14.27 -25.69 13.76
CA GLY B 9 14.84 -26.76 12.94
C GLY B 9 13.87 -27.83 12.53
N GLU B 10 12.57 -27.61 12.76
CA GLU B 10 11.53 -28.44 12.20
C GLU B 10 10.71 -27.58 11.21
N LEU B 11 9.95 -28.24 10.32
CA LEU B 11 9.00 -27.55 9.47
C LEU B 11 7.73 -27.19 10.21
N ASN B 12 7.55 -25.90 10.49
CA ASN B 12 6.38 -25.39 11.14
C ASN B 12 5.41 -24.78 10.14
N VAL B 13 4.19 -25.29 10.11
CA VAL B 13 3.20 -24.90 9.15
C VAL B 13 2.11 -24.08 9.85
N TYR B 14 1.82 -22.90 9.29
CA TYR B 14 0.75 -21.98 9.79
C TYR B 14 -0.09 -21.55 8.65
N SER B 15 -1.39 -21.57 8.87
CA SER B 15 -2.34 -21.09 7.91
C SER B 15 -2.91 -19.74 8.24
N ALA B 16 -2.86 -19.35 9.53
CA ALA B 16 -3.46 -18.09 9.92
C ALA B 16 -2.41 -16.98 9.75
N PRO B 17 -2.74 -15.91 9.02
CA PRO B 17 -1.82 -14.79 8.88
C PRO B 17 -1.30 -14.25 10.25
N GLY B 18 -2.19 -14.15 11.24
CA GLY B 18 -1.82 -13.64 12.54
C GLY B 18 -0.78 -14.49 13.18
N ASP B 19 -0.90 -15.81 12.99
CA ASP B 19 0.07 -16.72 13.58
C ASP B 19 1.47 -16.58 13.02
N VAL B 20 1.58 -16.55 11.69
CA VAL B 20 2.91 -16.47 11.10
C VAL B 20 3.52 -15.08 11.40
N ALA B 21 2.65 -14.08 11.48
CA ALA B 21 3.04 -12.73 11.87
C ALA B 21 3.66 -12.68 13.30
N ASP B 22 2.96 -13.32 14.26
CA ASP B 22 3.47 -13.43 15.66
C ASP B 22 4.76 -14.20 15.70
N VAL B 23 4.84 -15.35 15.01
CA VAL B 23 6.07 -16.13 15.02
C VAL B 23 7.24 -15.37 14.38
N SER B 24 6.99 -14.75 13.24
CA SER B 24 8.06 -14.05 12.56
C SER B 24 8.56 -12.88 13.44
N ARG B 25 7.64 -12.18 14.09
CA ARG B 25 8.02 -11.15 15.10
C ARG B 25 8.83 -11.74 16.27
N ALA B 26 8.30 -12.79 16.93
CA ALA B 26 9.13 -13.49 17.97
C ALA B 26 10.57 -13.89 17.47
N LEU B 27 10.67 -14.38 16.22
CA LEU B 27 11.95 -14.82 15.69
C LEU B 27 12.93 -13.68 15.48
N ARG B 28 12.43 -12.61 14.88
CA ARG B 28 13.23 -11.42 14.65
C ARG B 28 13.72 -10.79 16.00
N LEU B 29 12.91 -10.90 17.04
CA LEU B 29 13.32 -10.39 18.39
C LEU B 29 14.48 -11.17 19.00
N THR B 30 14.58 -12.45 18.65
CA THR B 30 15.67 -13.30 19.12
C THR B 30 16.91 -13.30 18.20
N GLY B 31 17.01 -12.36 17.24
CA GLY B 31 18.20 -12.29 16.39
C GLY B 31 18.09 -12.76 14.93
N ARG B 32 17.22 -13.76 14.67
CA ARG B 32 17.09 -14.35 13.32
C ARG B 32 16.67 -13.34 12.27
N ARG B 33 17.22 -13.49 11.08
CA ARG B 33 16.83 -12.73 9.93
C ARG B 33 15.82 -13.49 9.15
N VAL B 34 14.66 -12.88 8.95
CA VAL B 34 13.54 -13.54 8.30
C VAL B 34 13.63 -13.41 6.76
N MET B 35 13.57 -14.56 6.06
CA MET B 35 13.75 -14.54 4.60
C MET B 35 12.42 -15.03 4.03
N LEU B 36 11.85 -14.36 3.00
CA LEU B 36 10.58 -14.82 2.45
C LEU B 36 10.71 -15.33 1.02
N VAL B 37 10.14 -16.52 0.74
CA VAL B 37 10.15 -17.04 -0.63
C VAL B 37 8.70 -17.27 -0.96
N PRO B 38 8.09 -16.39 -1.73
CA PRO B 38 6.65 -16.57 -2.04
C PRO B 38 6.49 -17.54 -3.22
N THR B 39 5.54 -18.45 -3.10
CA THR B 39 5.33 -19.45 -4.15
C THR B 39 3.85 -19.72 -4.31
N MET B 40 3.52 -20.43 -5.37
CA MET B 40 2.15 -20.88 -5.53
C MET B 40 2.10 -22.37 -5.41
N GLY B 41 3.08 -22.94 -4.72
CA GLY B 41 3.15 -24.39 -4.56
C GLY B 41 3.57 -25.10 -5.84
N ALA B 42 3.39 -26.42 -5.87
CA ALA B 42 3.91 -27.25 -6.96
C ALA B 42 5.39 -26.91 -7.17
N LEU B 43 6.18 -27.08 -6.12
CA LEU B 43 7.59 -26.62 -6.10
C LEU B 43 8.48 -27.34 -7.13
N HIS B 44 9.34 -26.58 -7.79
CA HIS B 44 10.32 -27.16 -8.70
C HIS B 44 11.68 -26.56 -8.42
N GLU B 45 12.68 -26.95 -9.20
CA GLU B 45 14.04 -26.61 -8.91
C GLU B 45 14.26 -25.10 -8.78
N GLY B 46 13.48 -24.32 -9.51
CA GLY B 46 13.56 -22.86 -9.47
C GLY B 46 13.22 -22.36 -8.05
N HIS B 47 12.10 -22.80 -7.53
CA HIS B 47 11.76 -22.56 -6.09
C HIS B 47 12.85 -23.01 -5.12
N LEU B 48 13.39 -24.22 -5.32
CA LEU B 48 14.49 -24.65 -4.45
C LEU B 48 15.73 -23.76 -4.51
N ALA B 49 16.06 -23.25 -5.71
CA ALA B 49 17.16 -22.28 -5.76
C ALA B 49 16.85 -20.99 -4.97
N LEU B 50 15.58 -20.53 -5.00
CA LEU B 50 15.19 -19.32 -4.17
C LEU B 50 15.39 -19.68 -2.67
N VAL B 51 15.02 -20.91 -2.30
CA VAL B 51 15.18 -21.42 -0.93
C VAL B 51 16.62 -21.51 -0.55
N ARG B 52 17.45 -22.07 -1.44
CA ARG B 52 18.88 -22.16 -1.13
C ARG B 52 19.53 -20.82 -0.99
N ALA B 53 19.12 -19.85 -1.81
CA ALA B 53 19.70 -18.49 -1.73
C ALA B 53 19.29 -17.87 -0.37
N ALA B 54 18.05 -18.07 0.05
CA ALA B 54 17.59 -17.51 1.34
C ALA B 54 18.31 -18.21 2.53
N LYS B 55 18.45 -19.53 2.45
CA LYS B 55 19.10 -20.28 3.53
C LYS B 55 20.55 -19.91 3.76
N ARG B 56 21.21 -19.32 2.78
CA ARG B 56 22.60 -19.00 3.03
C ARG B 56 22.91 -17.72 3.75
N VAL B 57 21.90 -16.91 4.00
CA VAL B 57 22.11 -15.69 4.77
C VAL B 57 22.39 -16.13 6.23
N PRO B 58 23.52 -15.69 6.83
CA PRO B 58 23.72 -16.19 8.22
C PRO B 58 22.63 -15.72 9.20
N GLY B 59 22.17 -16.67 10.00
CA GLY B 59 21.14 -16.37 10.99
C GLY B 59 19.74 -16.41 10.39
N SER B 60 19.61 -16.95 9.18
CA SER B 60 18.33 -16.89 8.47
C SER B 60 17.32 -17.84 9.06
N VAL B 61 16.03 -17.44 9.05
CA VAL B 61 14.92 -18.42 9.14
C VAL B 61 14.18 -18.22 7.82
N VAL B 62 13.75 -19.33 7.21
CA VAL B 62 13.17 -19.24 5.90
C VAL B 62 11.67 -19.49 5.98
N VAL B 63 10.90 -18.52 5.48
CA VAL B 63 9.49 -18.64 5.37
C VAL B 63 9.19 -18.88 3.87
N VAL B 64 8.46 -19.95 3.59
CA VAL B 64 7.99 -20.18 2.24
C VAL B 64 6.51 -20.07 2.27
N SER B 65 5.96 -19.12 1.50
CA SER B 65 4.54 -19.03 1.46
C SER B 65 4.08 -19.82 0.25
N ILE B 66 2.88 -20.41 0.41
CA ILE B 66 2.30 -21.25 -0.64
C ILE B 66 0.87 -20.75 -0.68
N PHE B 67 0.56 -19.99 -1.73
CA PHE B 67 -0.75 -19.40 -1.84
C PHE B 67 -1.09 -19.19 -3.30
N VAL B 68 -2.21 -19.77 -3.74
CA VAL B 68 -2.71 -19.53 -5.10
C VAL B 68 -3.62 -18.32 -5.08
N ASN B 69 -3.13 -17.21 -5.65
CA ASN B 69 -3.88 -15.96 -5.64
C ASN B 69 -5.03 -16.04 -6.65
N PRO B 70 -6.30 -15.90 -6.19
CA PRO B 70 -7.42 -15.94 -7.16
C PRO B 70 -7.48 -14.64 -7.99
N PRO B 86 1.52 -30.70 -2.76
CA PRO B 86 0.64 -30.99 -1.62
C PRO B 86 1.42 -31.19 -0.30
N ASP B 87 1.34 -32.40 0.25
CA ASP B 87 2.21 -32.80 1.35
C ASP B 87 3.59 -33.08 0.75
N ASP B 88 3.64 -33.23 -0.57
CA ASP B 88 4.94 -33.34 -1.26
C ASP B 88 5.73 -32.03 -1.27
N ASP B 89 5.07 -30.92 -1.61
CA ASP B 89 5.66 -29.59 -1.42
C ASP B 89 6.29 -29.51 -0.04
N LEU B 90 5.52 -29.89 0.98
CA LEU B 90 5.98 -29.77 2.36
C LEU B 90 7.16 -30.70 2.62
N ALA B 91 7.05 -31.95 2.14
CA ALA B 91 8.18 -32.85 2.13
C ALA B 91 9.46 -32.23 1.57
N GLN B 92 9.37 -31.61 0.38
CA GLN B 92 10.56 -30.93 -0.21
C GLN B 92 11.12 -29.82 0.69
N LEU B 93 10.23 -29.01 1.24
CA LEU B 93 10.63 -27.89 2.11
C LEU B 93 11.36 -28.43 3.34
N ARG B 94 10.78 -29.50 3.92
CA ARG B 94 11.39 -30.24 5.03
C ARG B 94 12.82 -30.69 4.67
N ALA B 95 12.97 -31.31 3.50
CA ALA B 95 14.27 -31.74 3.04
C ALA B 95 15.22 -30.57 2.80
N GLU B 96 14.70 -29.38 2.48
CA GLU B 96 15.60 -28.24 2.37
C GLU B 96 15.97 -27.57 3.70
N GLY B 97 15.44 -28.05 4.82
CA GLY B 97 15.67 -27.36 6.12
C GLY B 97 14.93 -26.03 6.31
N VAL B 98 13.79 -25.86 5.62
CA VAL B 98 12.92 -24.69 5.78
C VAL B 98 12.16 -24.79 7.10
N GLU B 99 12.11 -23.71 7.88
CA GLU B 99 11.39 -23.81 9.17
C GLU B 99 9.95 -23.34 9.22
N ILE B 100 9.53 -22.57 8.20
CA ILE B 100 8.20 -22.06 8.22
C ILE B 100 7.58 -22.17 6.83
N ALA B 101 6.40 -22.80 6.77
CA ALA B 101 5.56 -22.76 5.58
C ALA B 101 4.33 -21.98 5.97
N PHE B 102 3.94 -21.00 5.15
CA PHE B 102 2.73 -20.25 5.41
C PHE B 102 1.70 -20.60 4.33
N THR B 103 0.59 -21.21 4.74
CA THR B 103 -0.33 -21.81 3.78
C THR B 103 -1.74 -21.30 4.00
N PRO B 104 -1.96 -19.99 3.81
CA PRO B 104 -3.31 -19.47 4.12
C PRO B 104 -4.37 -19.84 3.11
N THR B 105 -5.63 -19.77 3.53
CA THR B 105 -6.76 -19.96 2.61
C THR B 105 -7.01 -18.64 1.88
N THR B 106 -7.81 -18.70 0.80
CA THR B 106 -8.24 -17.48 0.16
C THR B 106 -9.01 -16.55 1.14
N ALA B 107 -9.89 -17.15 1.93
CA ALA B 107 -10.65 -16.38 2.87
C ALA B 107 -9.80 -15.65 3.94
N ALA B 108 -8.71 -16.27 4.33
CA ALA B 108 -7.83 -15.74 5.35
C ALA B 108 -7.10 -14.52 4.76
N MET B 109 -6.75 -14.61 3.49
CA MET B 109 -6.01 -13.54 2.83
C MET B 109 -6.94 -12.39 2.44
N TYR B 110 -8.18 -12.75 2.08
CA TYR B 110 -9.14 -11.76 1.63
C TYR B 110 -10.47 -11.81 2.48
N PRO B 111 -10.38 -11.63 3.81
CA PRO B 111 -11.56 -11.83 4.71
C PRO B 111 -12.65 -10.83 4.41
N ASP B 112 -12.30 -9.73 3.75
CA ASP B 112 -13.32 -8.74 3.35
C ASP B 112 -13.55 -8.70 1.85
N GLY B 113 -13.04 -9.69 1.13
CA GLY B 113 -13.11 -9.71 -0.31
C GLY B 113 -12.13 -8.77 -0.99
N LEU B 114 -12.34 -8.47 -2.26
CA LEU B 114 -11.44 -7.54 -2.97
C LEU B 114 -11.90 -6.11 -2.67
N ARG B 115 -10.99 -5.31 -2.13
CA ARG B 115 -11.41 -4.00 -1.69
C ARG B 115 -10.27 -3.00 -1.99
N THR B 116 -9.43 -2.68 -1.01
CA THR B 116 -8.26 -1.86 -1.35
C THR B 116 -7.24 -2.74 -2.13
N THR B 117 -6.68 -2.19 -3.21
CA THR B 117 -5.70 -2.96 -3.96
C THR B 117 -4.54 -2.01 -4.40
N VAL B 118 -3.50 -2.63 -4.95
CA VAL B 118 -2.37 -1.84 -5.42
C VAL B 118 -2.57 -1.61 -6.92
N GLN B 119 -2.40 -0.35 -7.32
CA GLN B 119 -2.42 -0.05 -8.74
C GLN B 119 -0.96 0.20 -9.22
N PRO B 120 -0.44 -0.72 -10.05
CA PRO B 120 0.94 -0.59 -10.59
C PRO B 120 1.06 0.68 -11.44
N GLY B 121 2.28 1.17 -11.58
CA GLY B 121 2.56 2.24 -12.53
C GLY B 121 2.40 1.75 -13.98
N PRO B 122 2.61 2.63 -14.95
CA PRO B 122 2.25 2.29 -16.36
C PRO B 122 3.10 1.17 -17.01
N LEU B 123 4.20 0.76 -16.40
CA LEU B 123 4.96 -0.40 -16.90
C LEU B 123 4.07 -1.61 -16.91
N ALA B 124 3.10 -1.72 -15.98
CA ALA B 124 2.23 -2.86 -15.94
C ALA B 124 1.32 -2.99 -17.19
N ALA B 125 1.23 -1.94 -17.99
CA ALA B 125 0.37 -2.00 -19.17
C ALA B 125 1.17 -2.51 -20.38
N GLU B 126 2.47 -2.64 -20.21
CA GLU B 126 3.33 -3.01 -21.33
C GLU B 126 3.63 -4.48 -21.27
N LEU B 127 4.10 -5.03 -22.40
CA LEU B 127 4.70 -6.36 -22.41
C LEU B 127 3.67 -7.40 -21.98
N GLU B 128 3.79 -8.02 -20.80
CA GLU B 128 2.86 -9.05 -20.35
C GLU B 128 1.47 -8.44 -20.04
N GLY B 129 1.49 -7.13 -19.81
CA GLY B 129 0.31 -6.38 -19.41
C GLY B 129 -0.58 -6.11 -20.62
N GLY B 130 -0.09 -6.46 -21.82
CA GLY B 130 -0.90 -6.48 -23.06
C GLY B 130 -1.96 -7.59 -23.08
N PRO B 131 -1.54 -8.90 -22.98
CA PRO B 131 -2.54 -9.98 -22.83
C PRO B 131 -3.31 -9.95 -21.49
N ARG B 132 -2.73 -9.37 -20.44
CA ARG B 132 -3.32 -9.44 -19.09
C ARG B 132 -3.09 -8.13 -18.31
N PRO B 133 -3.95 -7.11 -18.56
CA PRO B 133 -3.80 -5.75 -18.03
C PRO B 133 -4.06 -5.59 -16.51
N THR B 134 -4.59 -6.62 -15.86
CA THR B 134 -4.81 -6.53 -14.42
C THR B 134 -4.02 -7.60 -13.69
N HIS B 135 -3.25 -8.40 -14.43
CA HIS B 135 -2.43 -9.44 -13.82
C HIS B 135 -1.53 -8.84 -12.75
N PHE B 136 -0.82 -7.78 -13.09
CA PHE B 136 0.15 -7.30 -12.16
C PHE B 136 -0.45 -6.61 -10.94
N ALA B 137 -1.64 -6.02 -11.07
CA ALA B 137 -2.33 -5.43 -9.91
C ALA B 137 -2.52 -6.53 -8.91
N GLY B 138 -2.96 -7.72 -9.39
CA GLY B 138 -3.15 -8.86 -8.49
C GLY B 138 -1.86 -9.28 -7.80
N VAL B 139 -0.78 -9.43 -8.56
CA VAL B 139 0.51 -9.89 -8.03
C VAL B 139 0.99 -8.84 -7.02
N LEU B 140 0.94 -7.59 -7.38
CA LEU B 140 1.51 -6.56 -6.41
C LEU B 140 0.72 -6.49 -5.11
N THR B 141 -0.60 -6.64 -5.18
CA THR B 141 -1.49 -6.67 -4.00
C THR B 141 -1.15 -7.80 -3.08
N VAL B 142 -0.98 -9.00 -3.63
N VAL B 142 -0.97 -9.00 -3.64
CA VAL B 142 -0.71 -10.10 -2.76
CA VAL B 142 -0.63 -10.14 -2.81
C VAL B 142 0.72 -10.11 -2.22
C VAL B 142 0.74 -10.09 -2.21
N VAL B 143 1.69 -9.66 -3.02
CA VAL B 143 3.08 -9.47 -2.56
C VAL B 143 3.08 -8.44 -1.42
N LEU B 144 2.38 -7.33 -1.61
CA LEU B 144 2.29 -6.32 -0.49
C LEU B 144 1.78 -6.96 0.81
N LYS B 145 0.68 -7.70 0.71
CA LYS B 145 0.07 -8.33 1.90
C LYS B 145 1.06 -9.33 2.51
N LEU B 146 1.68 -10.13 1.67
CA LEU B 146 2.66 -11.12 2.19
C LEU B 146 3.82 -10.41 2.88
N LEU B 147 4.31 -9.32 2.30
CA LEU B 147 5.37 -8.59 3.00
C LEU B 147 4.95 -7.99 4.35
N GLN B 148 3.69 -7.57 4.44
CA GLN B 148 3.18 -6.98 5.68
C GLN B 148 2.91 -8.02 6.75
N ILE B 149 2.45 -9.22 6.32
CA ILE B 149 2.24 -10.31 7.27
C ILE B 149 3.57 -10.84 7.82
N VAL B 150 4.54 -11.03 6.97
CA VAL B 150 5.73 -11.80 7.36
C VAL B 150 6.81 -10.82 7.81
N ARG B 151 6.78 -9.61 7.26
CA ARG B 151 7.84 -8.61 7.50
C ARG B 151 9.25 -9.20 7.44
N PRO B 152 9.66 -9.71 6.25
CA PRO B 152 10.96 -10.29 6.04
C PRO B 152 11.99 -9.21 5.87
N ASP B 153 13.23 -9.55 6.23
CA ASP B 153 14.35 -8.69 5.91
C ASP B 153 14.62 -8.70 4.42
N ARG B 154 14.40 -9.88 3.78
CA ARG B 154 14.69 -10.05 2.35
C ARG B 154 13.62 -10.99 1.79
N VAL B 155 13.30 -10.68 0.55
CA VAL B 155 12.30 -11.44 -0.22
C VAL B 155 12.94 -11.85 -1.57
N PHE B 156 12.69 -13.09 -2.00
CA PHE B 156 13.43 -13.76 -3.09
C PHE B 156 12.47 -14.09 -4.23
N PHE B 157 12.84 -13.63 -5.42
CA PHE B 157 12.05 -13.97 -6.58
C PHE B 157 12.98 -14.42 -7.70
N GLY B 158 12.48 -15.25 -8.59
CA GLY B 158 13.28 -15.60 -9.75
C GLY B 158 13.28 -14.48 -10.75
N GLU B 159 14.35 -14.44 -11.53
CA GLU B 159 14.45 -13.50 -12.65
C GLU B 159 13.62 -13.88 -13.85
N LYS B 160 13.09 -15.10 -13.89
CA LYS B 160 12.31 -15.45 -15.12
C LYS B 160 11.19 -14.53 -15.43
N ASP B 161 10.43 -14.16 -14.41
CA ASP B 161 9.35 -13.24 -14.69
C ASP B 161 9.94 -11.83 -14.42
N TYR B 162 10.66 -11.31 -15.39
CA TYR B 162 11.48 -10.16 -15.09
C TYR B 162 10.65 -8.87 -14.90
N GLN B 163 9.67 -8.69 -15.76
CA GLN B 163 8.78 -7.55 -15.63
C GLN B 163 8.06 -7.53 -14.24
N GLN B 164 7.56 -8.69 -13.82
CA GLN B 164 7.05 -8.86 -12.48
C GLN B 164 8.06 -8.39 -11.45
N LEU B 165 9.30 -8.89 -11.53
CA LEU B 165 10.33 -8.49 -10.61
C LEU B 165 10.56 -6.97 -10.54
N VAL B 166 10.62 -6.31 -11.72
CA VAL B 166 10.85 -4.87 -11.76
C VAL B 166 9.65 -4.16 -11.10
N LEU B 167 8.43 -4.67 -11.38
CA LEU B 167 7.26 -4.07 -10.75
C LEU B 167 7.32 -4.17 -9.21
N ILE B 168 7.77 -5.32 -8.70
CA ILE B 168 8.02 -5.44 -7.25
C ILE B 168 8.99 -4.45 -6.69
N ARG B 169 10.12 -4.24 -7.39
CA ARG B 169 11.06 -3.27 -6.87
CA ARG B 169 11.10 -3.25 -6.96
C ARG B 169 10.42 -1.87 -6.93
N GLN B 170 9.56 -1.59 -7.89
CA GLN B 170 8.85 -0.29 -7.94
C GLN B 170 7.88 -0.18 -6.76
N LEU B 171 7.14 -1.23 -6.49
CA LEU B 171 6.31 -1.29 -5.26
C LEU B 171 7.09 -0.97 -3.99
N VAL B 172 8.26 -1.61 -3.80
CA VAL B 172 9.02 -1.50 -2.59
C VAL B 172 9.50 -0.04 -2.51
N ALA B 173 9.97 0.46 -3.63
CA ALA B 173 10.49 1.87 -3.61
C ALA B 173 9.35 2.88 -3.35
N ASP B 174 8.31 2.75 -4.17
CA ASP B 174 7.17 3.67 -4.14
C ASP B 174 6.41 3.74 -2.82
N PHE B 175 6.33 2.62 -2.11
CA PHE B 175 5.62 2.60 -0.85
C PHE B 175 6.58 2.59 0.36
N ASN B 176 7.88 2.81 0.12
CA ASN B 176 8.86 2.94 1.22
C ASN B 176 8.94 1.67 2.08
N LEU B 177 8.80 0.51 1.42
CA LEU B 177 8.85 -0.74 2.15
C LEU B 177 10.27 -1.05 2.63
N ASP B 178 10.36 -1.63 3.83
N ASP B 178 10.48 -1.63 3.81
CA ASP B 178 11.68 -1.91 4.40
CA ASP B 178 11.91 -1.73 4.26
C ASP B 178 12.04 -3.37 4.23
C ASP B 178 12.74 -2.95 3.77
N VAL B 179 12.10 -3.78 2.98
CA VAL B 179 12.59 -5.09 2.62
C VAL B 179 13.57 -4.96 1.46
N ALA B 180 14.55 -5.89 1.42
CA ALA B 180 15.48 -6.02 0.31
C ALA B 180 14.87 -7.04 -0.67
N VAL B 181 14.74 -6.66 -1.93
CA VAL B 181 14.24 -7.56 -3.01
C VAL B 181 15.46 -8.26 -3.66
N VAL B 182 15.45 -9.59 -3.66
CA VAL B 182 16.60 -10.38 -4.18
C VAL B 182 16.11 -11.15 -5.43
N GLY B 183 16.59 -10.76 -6.59
CA GLY B 183 16.37 -11.54 -7.81
C GLY B 183 17.45 -12.63 -7.99
N VAL B 184 16.97 -13.84 -8.24
CA VAL B 184 17.82 -15.03 -8.29
C VAL B 184 17.83 -15.52 -9.74
N PRO B 185 19.03 -15.73 -10.30
CA PRO B 185 19.12 -16.16 -11.72
C PRO B 185 18.20 -17.34 -12.04
N THR B 186 17.61 -17.27 -13.20
CA THR B 186 16.60 -18.25 -13.61
C THR B 186 17.27 -19.65 -13.67
N VAL B 187 16.67 -20.63 -13.01
CA VAL B 187 17.09 -22.02 -13.16
C VAL B 187 16.59 -22.51 -14.54
N ARG B 188 17.47 -23.22 -15.25
CA ARG B 188 17.14 -23.75 -16.58
C ARG B 188 17.36 -25.28 -16.70
N GLU B 189 16.56 -25.92 -17.56
CA GLU B 189 16.87 -27.29 -17.99
C GLU B 189 18.21 -27.38 -18.70
N ALA B 190 18.63 -28.61 -19.02
CA ALA B 190 19.97 -28.84 -19.55
C ALA B 190 20.20 -28.10 -20.90
N ASP B 191 19.15 -27.99 -21.69
CA ASP B 191 19.26 -27.38 -23.06
C ASP B 191 19.04 -25.84 -23.02
N GLY B 192 18.79 -25.33 -21.80
CA GLY B 192 18.64 -23.88 -21.59
C GLY B 192 17.20 -23.39 -21.37
N LEU B 193 16.19 -24.23 -21.65
CA LEU B 193 14.79 -23.79 -21.44
C LEU B 193 14.53 -23.35 -19.99
N ALA B 194 13.95 -22.15 -19.85
CA ALA B 194 13.71 -21.62 -18.53
C ALA B 194 12.69 -22.52 -17.75
N MET B 195 12.97 -22.79 -16.48
CA MET B 195 12.04 -23.60 -15.67
C MET B 195 10.67 -22.94 -15.64
N SER B 196 9.61 -23.71 -15.86
CA SER B 196 8.29 -23.14 -15.74
C SER B 196 7.34 -24.29 -15.52
N SER B 197 6.23 -23.99 -14.84
CA SER B 197 5.30 -25.04 -14.49
C SER B 197 4.60 -25.40 -15.80
N ARG B 198 4.67 -24.49 -16.78
CA ARG B 198 4.06 -24.76 -18.09
C ARG B 198 4.85 -25.73 -19.01
N ASN B 199 6.12 -25.97 -18.73
CA ASN B 199 6.93 -26.82 -19.61
C ASN B 199 6.40 -28.25 -19.74
N ARG B 200 5.74 -28.74 -18.69
CA ARG B 200 5.12 -30.10 -18.70
C ARG B 200 4.06 -30.33 -19.78
N TYR B 201 3.42 -29.25 -20.23
CA TYR B 201 2.35 -29.36 -21.22
C TYR B 201 2.84 -29.50 -22.64
N LEU B 202 4.14 -29.23 -22.87
CA LEU B 202 4.65 -29.20 -24.24
C LEU B 202 4.79 -30.62 -24.73
N ASP B 203 4.17 -30.92 -25.89
CA ASP B 203 4.48 -32.20 -26.53
C ASP B 203 5.91 -32.16 -27.09
N PRO B 204 6.44 -33.31 -27.57
CA PRO B 204 7.88 -33.30 -27.87
C PRO B 204 8.33 -32.31 -28.97
N ALA B 205 7.46 -32.07 -29.96
CA ALA B 205 7.75 -31.11 -31.03
C ALA B 205 7.82 -29.67 -30.46
N GLN B 206 6.91 -29.36 -29.54
CA GLN B 206 6.87 -28.01 -28.94
C GLN B 206 8.03 -27.85 -27.99
N ARG B 207 8.37 -28.95 -27.32
CA ARG B 207 9.42 -28.91 -26.30
C ARG B 207 10.73 -28.70 -27.01
N ALA B 208 10.86 -29.30 -28.18
CA ALA B 208 12.09 -29.14 -28.95
C ALA B 208 12.19 -27.70 -29.51
N ALA B 209 11.05 -27.18 -29.96
CA ALA B 209 11.06 -25.83 -30.59
C ALA B 209 11.31 -24.78 -29.50
N ALA B 210 10.82 -25.03 -28.30
CA ALA B 210 10.87 -24.03 -27.21
C ALA B 210 12.30 -23.64 -26.80
N VAL B 211 13.28 -24.47 -27.14
N VAL B 211 13.26 -24.49 -27.16
CA VAL B 211 14.66 -24.18 -26.81
CA VAL B 211 14.68 -24.24 -26.90
C VAL B 211 15.07 -22.92 -27.60
C VAL B 211 15.06 -22.94 -27.61
N ALA B 212 14.30 -22.57 -28.65
CA ALA B 212 14.66 -21.37 -29.47
C ALA B 212 14.60 -20.10 -28.62
N LEU B 213 13.77 -20.07 -27.57
CA LEU B 213 13.69 -18.81 -26.78
C LEU B 213 15.04 -18.52 -26.10
N SER B 214 15.53 -19.48 -25.35
CA SER B 214 16.80 -19.32 -24.69
C SER B 214 17.94 -19.24 -25.68
N ALA B 215 17.89 -20.07 -26.69
CA ALA B 215 18.97 -20.01 -27.77
C ALA B 215 19.04 -18.64 -28.39
N ALA B 216 17.87 -18.02 -28.63
CA ALA B 216 17.85 -16.66 -29.28
C ALA B 216 18.46 -15.68 -28.31
N LEU B 217 18.12 -15.84 -27.02
CA LEU B 217 18.56 -14.76 -26.07
C LEU B 217 20.04 -14.88 -25.80
N THR B 218 20.57 -16.09 -25.65
CA THR B 218 22.05 -16.24 -25.45
CA THR B 218 22.01 -16.24 -25.42
C THR B 218 22.79 -15.81 -26.71
N ALA B 219 22.27 -16.16 -27.88
CA ALA B 219 22.91 -15.70 -29.14
C ALA B 219 23.00 -14.15 -29.13
N ALA B 220 21.87 -13.50 -28.76
CA ALA B 220 21.83 -12.03 -28.72
C ALA B 220 22.88 -11.49 -27.78
N ALA B 221 22.99 -12.11 -26.58
CA ALA B 221 23.84 -11.56 -25.55
C ALA B 221 25.32 -11.60 -26.00
N HIS B 222 25.69 -12.61 -26.78
CA HIS B 222 27.01 -12.73 -27.40
C HIS B 222 27.20 -11.88 -28.68
N ALA B 223 26.13 -11.70 -29.47
CA ALA B 223 26.20 -10.89 -30.64
C ALA B 223 26.38 -9.40 -30.23
N ALA B 224 26.08 -9.07 -28.96
CA ALA B 224 25.89 -7.67 -28.50
C ALA B 224 27.20 -6.88 -28.56
N THR B 225 28.36 -7.55 -28.64
CA THR B 225 29.62 -6.82 -28.98
C THR B 225 29.54 -6.04 -30.28
N ALA B 226 28.70 -6.51 -31.21
CA ALA B 226 28.51 -5.86 -32.49
C ALA B 226 27.36 -4.83 -32.49
N GLY B 227 26.73 -4.63 -31.35
CA GLY B 227 25.71 -3.57 -31.12
C GLY B 227 24.28 -4.11 -30.95
N ALA B 228 23.37 -3.15 -30.70
CA ALA B 228 21.97 -3.50 -30.40
C ALA B 228 21.26 -4.17 -31.54
N GLN B 229 21.44 -3.63 -32.73
CA GLN B 229 20.74 -4.16 -33.85
C GLN B 229 21.21 -5.59 -34.15
N ALA B 230 22.53 -5.78 -34.10
CA ALA B 230 23.08 -7.16 -34.27
C ALA B 230 22.48 -8.10 -33.26
N ALA B 231 22.37 -7.69 -31.99
CA ALA B 231 21.86 -8.58 -30.91
C ALA B 231 20.42 -8.96 -31.28
N LEU B 232 19.62 -7.93 -31.59
CA LEU B 232 18.19 -8.19 -31.96
C LEU B 232 18.04 -9.04 -33.20
N ASP B 233 18.85 -8.80 -34.25
CA ASP B 233 18.71 -9.55 -35.49
C ASP B 233 19.18 -10.99 -35.25
N ALA B 234 20.20 -11.21 -34.39
CA ALA B 234 20.61 -12.59 -34.03
C ALA B 234 19.46 -13.33 -33.31
N ALA B 235 18.80 -12.67 -32.35
CA ALA B 235 17.72 -13.36 -31.61
C ALA B 235 16.64 -13.65 -32.62
N ARG B 236 16.32 -12.67 -33.46
CA ARG B 236 15.16 -12.84 -34.38
C ARG B 236 15.43 -14.00 -35.34
N ALA B 237 16.67 -14.12 -35.82
CA ALA B 237 17.03 -15.24 -36.75
C ALA B 237 16.82 -16.60 -36.08
N VAL B 238 17.24 -16.72 -34.81
CA VAL B 238 17.06 -17.96 -34.07
C VAL B 238 15.57 -18.31 -33.90
N LEU B 239 14.78 -17.33 -33.43
CA LEU B 239 13.30 -17.55 -33.39
C LEU B 239 12.73 -17.88 -34.76
N ASP B 240 13.18 -17.21 -35.79
CA ASP B 240 12.74 -17.50 -37.16
C ASP B 240 13.11 -18.95 -37.67
N ALA B 241 14.13 -19.60 -37.10
CA ALA B 241 14.49 -20.99 -37.45
C ALA B 241 13.57 -22.03 -36.78
N ALA B 242 12.65 -21.61 -35.90
CA ALA B 242 11.79 -22.54 -35.14
C ALA B 242 10.37 -22.58 -35.71
N PRO B 243 9.83 -23.81 -35.87
CA PRO B 243 8.46 -23.92 -36.35
C PRO B 243 7.48 -23.78 -35.12
N GLY B 244 6.29 -23.26 -35.34
CA GLY B 244 5.23 -23.23 -34.29
C GLY B 244 5.54 -22.36 -33.10
N VAL B 245 6.35 -21.32 -33.34
CA VAL B 245 6.75 -20.36 -32.28
C VAL B 245 6.27 -18.96 -32.70
N ALA B 246 5.11 -18.58 -32.18
CA ALA B 246 4.47 -17.37 -32.55
C ALA B 246 5.01 -16.34 -31.54
N VAL B 247 5.85 -15.42 -32.03
CA VAL B 247 6.51 -14.45 -31.12
C VAL B 247 5.55 -13.25 -30.82
N ASP B 248 5.21 -13.07 -29.55
CA ASP B 248 4.40 -11.92 -29.15
C ASP B 248 5.22 -10.65 -29.06
N TYR B 249 6.42 -10.73 -28.51
CA TYR B 249 7.34 -9.56 -28.55
C TYR B 249 8.76 -10.01 -28.35
N LEU B 250 9.69 -9.16 -28.78
CA LEU B 250 11.09 -9.40 -28.57
C LEU B 250 11.62 -7.98 -28.38
N GLU B 251 11.90 -7.61 -27.14
N GLU B 251 11.98 -7.65 -27.15
CA GLU B 251 12.30 -6.23 -26.85
CA GLU B 251 12.29 -6.27 -26.77
C GLU B 251 13.53 -6.06 -26.01
C GLU B 251 13.55 -6.07 -25.98
N LEU B 252 14.35 -5.07 -26.38
CA LEU B 252 15.55 -4.76 -25.64
C LEU B 252 15.23 -3.46 -24.87
N ARG B 253 15.40 -3.49 -23.56
CA ARG B 253 15.08 -2.34 -22.68
C ARG B 253 16.25 -2.11 -21.74
N ASP B 254 16.23 -0.99 -20.99
CA ASP B 254 17.24 -0.86 -19.94
C ASP B 254 16.87 -1.78 -18.80
N ILE B 255 17.69 -1.84 -17.78
CA ILE B 255 17.47 -2.81 -16.76
C ILE B 255 16.18 -2.55 -15.91
N GLY B 256 15.65 -1.32 -15.99
CA GLY B 256 14.38 -0.92 -15.26
C GLY B 256 13.19 -1.08 -16.16
N LEU B 257 13.44 -1.58 -17.38
CA LEU B 257 12.46 -1.73 -18.45
C LEU B 257 11.98 -0.42 -19.12
N GLY B 258 12.69 0.66 -18.85
CA GLY B 258 12.56 1.80 -19.72
C GLY B 258 13.31 1.58 -21.02
N PRO B 259 13.34 2.61 -21.90
CA PRO B 259 14.06 2.51 -23.18
C PRO B 259 15.54 2.23 -23.02
N MET B 260 16.03 1.35 -23.88
CA MET B 260 17.45 0.96 -23.87
C MET B 260 18.32 2.17 -24.16
N PRO B 261 19.31 2.48 -23.27
CA PRO B 261 20.24 3.60 -23.51
C PRO B 261 21.16 3.24 -24.69
N LEU B 262 21.83 4.22 -25.29
CA LEU B 262 22.63 3.96 -26.51
C LEU B 262 23.68 2.84 -26.35
N ASN B 263 24.31 2.76 -25.17
CA ASN B 263 25.07 1.56 -24.78
C ASN B 263 24.97 1.30 -23.26
N GLY B 264 25.67 0.29 -22.77
CA GLY B 264 25.56 -0.02 -21.35
C GLY B 264 24.63 -1.21 -21.15
N SER B 265 23.96 -1.24 -20.01
CA SER B 265 23.33 -2.45 -19.56
C SER B 265 21.89 -2.45 -19.95
N GLY B 266 21.42 -3.61 -20.38
CA GLY B 266 20.01 -3.77 -20.62
C GLY B 266 19.50 -5.18 -20.33
N ARG B 267 18.29 -5.40 -20.79
CA ARG B 267 17.66 -6.73 -20.64
C ARG B 267 16.98 -6.97 -21.92
N LEU B 268 17.04 -8.21 -22.43
CA LEU B 268 16.33 -8.54 -23.67
C LEU B 268 15.22 -9.50 -23.28
N LEU B 269 13.98 -9.18 -23.63
CA LEU B 269 12.85 -10.02 -23.18
C LEU B 269 12.11 -10.62 -24.36
N VAL B 270 11.62 -11.85 -24.22
CA VAL B 270 10.83 -12.47 -25.31
C VAL B 270 9.62 -13.16 -24.70
N ALA B 271 8.54 -13.23 -25.46
CA ALA B 271 7.42 -14.07 -25.10
C ALA B 271 6.89 -14.67 -26.38
N ALA B 272 6.39 -15.91 -26.31
CA ALA B 272 5.95 -16.59 -27.53
C ALA B 272 4.90 -17.58 -27.13
N ARG B 273 4.06 -17.98 -28.09
CA ARG B 273 3.05 -19.02 -27.87
C ARG B 273 3.37 -20.23 -28.71
N LEU B 274 3.38 -21.40 -28.08
CA LEU B 274 3.63 -22.67 -28.75
C LEU B 274 2.33 -23.45 -28.52
N GLY B 275 1.52 -23.57 -29.57
CA GLY B 275 0.24 -24.31 -29.44
C GLY B 275 -0.57 -23.47 -28.46
N THR B 276 -0.87 -24.02 -27.27
CA THR B 276 -1.67 -23.23 -26.32
C THR B 276 -0.84 -22.60 -25.16
N THR B 277 0.45 -22.94 -25.12
CA THR B 277 1.28 -22.59 -23.97
C THR B 277 2.00 -21.24 -24.28
N ARG B 278 1.96 -20.26 -23.38
CA ARG B 278 2.70 -19.03 -23.56
C ARG B 278 4.00 -19.16 -22.76
N LEU B 279 5.14 -18.88 -23.39
CA LEU B 279 6.43 -19.07 -22.72
C LEU B 279 7.15 -17.72 -22.60
N LEU B 280 7.93 -17.50 -21.57
CA LEU B 280 8.61 -16.16 -21.51
C LEU B 280 10.06 -16.44 -21.18
N ASP B 281 10.99 -15.56 -21.56
CA ASP B 281 12.37 -15.70 -21.09
C ASP B 281 12.96 -14.32 -21.22
N ASN B 282 14.09 -14.13 -20.54
CA ASN B 282 14.81 -12.86 -20.66
C ASN B 282 16.27 -13.03 -20.30
N ILE B 283 17.12 -12.06 -20.64
CA ILE B 283 18.57 -12.18 -20.35
C ILE B 283 19.21 -10.77 -20.22
N ALA B 284 20.18 -10.70 -19.32
CA ALA B 284 21.11 -9.54 -19.29
C ALA B 284 21.84 -9.33 -20.61
N ILE B 285 21.90 -8.08 -21.06
CA ILE B 285 22.57 -7.77 -22.31
C ILE B 285 23.54 -6.61 -21.98
N GLU B 286 24.76 -6.64 -22.52
CA GLU B 286 25.72 -5.50 -22.34
C GLU B 286 26.00 -4.98 -23.77
N ILE B 287 25.74 -3.71 -24.02
CA ILE B 287 25.88 -3.24 -25.42
C ILE B 287 27.30 -2.82 -25.83
N GLY B 288 27.85 -3.51 -26.85
CA GLY B 288 29.17 -3.23 -27.40
C GLY B 288 30.31 -3.59 -26.45
#